data_3STZ
#
_entry.id   3STZ
#
_cell.length_a   155.732
_cell.length_b   155.732
_cell.length_c   76.098
_cell.angle_alpha   90.00
_cell.angle_beta   90.00
_cell.angle_gamma   90.00
#
_symmetry.space_group_name_H-M   'I 4'
#
loop_
_entity.id
_entity.type
_entity.pdbx_description
1 polymer 'antibody Fab fragment heavy chain'
2 polymer 'antibody Fab fragment light chain'
3 polymer 'Voltage-gated potassium channel'
4 non-polymer 'S-[(1-oxyl-2,2,5,5-tetramethyl-2,5-dihydro-1H-pyrrol-3-yl)methyl] methanesulfonothioate'
5 non-polymer 'POTASSIUM ION'
6 water water
#
loop_
_entity_poly.entity_id
_entity_poly.type
_entity_poly.pdbx_seq_one_letter_code
_entity_poly.pdbx_strand_id
1 'polypeptide(L)'
;QVQLQQPGAELVKPGASVKLSCKASGYTFTSDWIHWVKQRPGHGLEWIGEIIPSYGRANYNEKIQKKATLTADKSSSTAF
MQLSSLTSEDSAVYYCARERGDGYFAVWGAGTTVTVSSAKTTPPSVYPLAPGSAAQTNSMVTLGCLVKGYFPEPVTVTWN
SGSLSSGVHTFPAVLQSDLYTLSSSVTVPSSSWPSETVTCNVAHPASSTKVDKKIVPRD
;
A
2 'polypeptide(L)'
;DILLTQSPAILSVSPGERVSFSCRASQSIGTDIHWYQQRTNGSPRLLIKYASESISGIPSRFSGSGSGTDFTLSINSVES
EDIANYYCQQSNRWPFTFGSGTKLEIKRADAAPTVSIFPPSSEQLTSGGASVVCFLNNFYPKDINVKWKIDGSERQNGVL
NSWTDQDSKDSTYSMSSTLTLTKDEYERHNSYTCEATHKTSTSPIVKSFNRN
;
B
3 'polypeptide(L)'
;ALHWRAAGAATVLLVIVLLAGSYLAVLAERGAPGAQLITYPRALWWSVETATTVGYGDLCPVTLWGRLVAVVVMVAGITS
FGLVTAALATWFVGREQERRGH
;
C
#
# COMPACT_ATOMS: atom_id res chain seq x y z
N GLN A 1 -12.05 -2.89 -12.54
CA GLN A 1 -12.80 -2.31 -11.38
C GLN A 1 -12.15 -2.68 -10.04
N VAL A 2 -12.17 -1.73 -9.10
CA VAL A 2 -11.60 -1.92 -7.78
C VAL A 2 -11.87 -3.34 -7.26
N GLN A 3 -10.81 -4.16 -7.27
CA GLN A 3 -10.91 -5.54 -6.83
C GLN A 3 -11.14 -5.77 -5.34
N LEU A 4 -10.53 -4.96 -4.50
CA LEU A 4 -10.72 -5.11 -3.06
C LEU A 4 -11.20 -3.79 -2.47
N GLN A 5 -12.34 -3.83 -1.80
CA GLN A 5 -12.91 -2.63 -1.19
C GLN A 5 -12.82 -2.68 0.32
N GLN A 6 -12.26 -1.63 0.91
CA GLN A 6 -12.12 -1.55 2.37
C GLN A 6 -12.57 -0.19 2.89
N PRO A 7 -13.20 -0.18 4.08
CA PRO A 7 -13.67 1.06 4.72
C PRO A 7 -12.48 1.97 4.98
N GLY A 8 -12.67 3.28 4.85
CA GLY A 8 -11.59 4.21 5.07
C GLY A 8 -10.98 4.30 6.45
N ALA A 9 -11.83 4.28 7.47
CA ALA A 9 -11.32 4.39 8.84
C ALA A 9 -12.21 3.76 9.88
N GLU A 10 -11.60 3.45 11.02
CA GLU A 10 -12.28 2.86 12.16
C GLU A 10 -11.69 3.49 13.41
N LEU A 11 -12.57 3.92 14.32
CA LEU A 11 -12.14 4.50 15.58
C LEU A 11 -12.43 3.45 16.65
N VAL A 12 -11.44 3.17 17.51
CA VAL A 12 -11.61 2.18 18.56
C VAL A 12 -11.02 2.66 19.88
N LYS A 13 -11.74 2.39 20.96
CA LYS A 13 -11.32 2.78 22.31
C LYS A 13 -10.41 1.70 22.89
N PRO A 14 -9.34 2.10 23.58
CA PRO A 14 -8.45 1.10 24.16
C PRO A 14 -9.24 0.01 24.88
N GLY A 15 -8.96 -1.24 24.52
CA GLY A 15 -9.65 -2.36 25.14
C GLY A 15 -10.76 -2.90 24.27
N ALA A 16 -11.45 -2.02 23.55
CA ALA A 16 -12.54 -2.44 22.67
C ALA A 16 -12.00 -3.22 21.48
N SER A 17 -12.90 -3.71 20.62
CA SER A 17 -12.51 -4.47 19.45
C SER A 17 -13.29 -4.02 18.21
N VAL A 18 -12.66 -4.11 17.04
CA VAL A 18 -13.28 -3.71 15.78
C VAL A 18 -13.21 -4.85 14.76
N LYS A 19 -14.08 -4.83 13.76
CA LYS A 19 -14.08 -5.89 12.76
C LYS A 19 -13.96 -5.28 11.35
N LEU A 20 -12.79 -5.42 10.73
CA LEU A 20 -12.58 -4.86 9.40
C LEU A 20 -13.03 -5.80 8.31
N SER A 21 -13.52 -5.23 7.21
CA SER A 21 -14.00 -5.99 6.07
C SER A 21 -13.17 -5.74 4.80
N CYS A 22 -13.31 -6.60 3.80
CA CYS A 22 -12.59 -6.51 2.54
C CYS A 22 -13.49 -7.20 1.54
N LYS A 23 -14.16 -6.40 0.71
CA LYS A 23 -15.07 -6.92 -0.31
C LYS A 23 -14.36 -7.14 -1.64
N ALA A 24 -14.44 -8.35 -2.16
CA ALA A 24 -13.77 -8.70 -3.39
C ALA A 24 -14.69 -8.87 -4.58
N SER A 25 -14.18 -8.48 -5.75
CA SER A 25 -14.90 -8.59 -7.00
C SER A 25 -13.86 -8.97 -8.05
N GLY A 26 -14.30 -9.29 -9.25
CA GLY A 26 -13.37 -9.69 -10.28
C GLY A 26 -13.35 -11.22 -10.25
N TYR A 27 -12.35 -11.82 -10.88
CA TYR A 27 -12.25 -13.27 -10.90
C TYR A 27 -11.95 -13.84 -9.51
N THR A 28 -12.67 -14.90 -9.14
CA THR A 28 -12.46 -15.55 -7.85
C THR A 28 -12.31 -17.07 -8.02
N PHE A 29 -11.17 -17.59 -7.58
CA PHE A 29 -10.89 -19.02 -7.70
C PHE A 29 -10.84 -19.69 -6.33
N THR A 30 -11.03 -21.00 -6.33
CA THR A 30 -10.99 -21.77 -5.10
C THR A 30 -9.57 -21.76 -4.52
N SER A 31 -8.62 -21.38 -5.35
CA SER A 31 -7.22 -21.31 -4.96
C SER A 31 -6.82 -19.93 -4.44
N ASP A 32 -7.78 -19.11 -4.05
CA ASP A 32 -7.47 -17.77 -3.57
C ASP A 32 -7.24 -17.65 -2.08
N TRP A 33 -6.30 -16.79 -1.71
CA TRP A 33 -6.02 -16.53 -0.32
C TRP A 33 -6.12 -15.03 -0.10
N ILE A 34 -6.77 -14.64 0.99
CA ILE A 34 -6.84 -13.22 1.32
C ILE A 34 -5.82 -13.03 2.43
N HIS A 35 -5.02 -11.97 2.31
CA HIS A 35 -3.98 -11.63 3.26
C HIS A 35 -4.30 -10.32 3.97
N TRP A 36 -3.70 -10.11 5.13
CA TRP A 36 -3.89 -8.86 5.86
C TRP A 36 -2.52 -8.37 6.26
N VAL A 37 -2.24 -7.11 5.94
CA VAL A 37 -0.95 -6.53 6.23
C VAL A 37 -1.09 -5.26 7.03
N LYS A 38 -0.30 -5.15 8.08
CA LYS A 38 -0.32 -4.00 8.97
C LYS A 38 0.85 -3.06 8.74
N GLN A 39 0.57 -1.76 8.66
CA GLN A 39 1.61 -0.77 8.45
C GLN A 39 1.43 0.42 9.37
N ARG A 40 2.42 0.63 10.24
CA ARG A 40 2.39 1.75 11.17
C ARG A 40 2.99 2.95 10.47
N PRO A 41 2.53 4.15 10.83
CA PRO A 41 3.06 5.36 10.21
C PRO A 41 4.58 5.41 10.17
N GLY A 42 5.11 5.82 9.01
CA GLY A 42 6.55 5.90 8.84
C GLY A 42 7.28 4.58 8.78
N HIS A 43 6.58 3.47 9.03
CA HIS A 43 7.22 2.15 9.01
C HIS A 43 6.87 1.25 7.83
N GLY A 44 7.38 0.01 7.87
CA GLY A 44 7.12 -0.92 6.79
C GLY A 44 5.92 -1.83 6.92
N LEU A 45 5.82 -2.76 5.98
CA LEU A 45 4.74 -3.72 5.92
C LEU A 45 4.95 -4.95 6.83
N GLU A 46 3.91 -5.30 7.58
CA GLU A 46 3.96 -6.44 8.49
C GLU A 46 2.81 -7.43 8.19
N TRP A 47 3.18 -8.65 7.80
CA TRP A 47 2.20 -9.67 7.46
C TRP A 47 1.45 -10.10 8.72
N ILE A 48 0.13 -10.16 8.65
CA ILE A 48 -0.66 -10.55 9.81
C ILE A 48 -1.14 -12.00 9.71
N GLY A 49 -1.70 -12.35 8.54
CA GLY A 49 -2.21 -13.69 8.35
C GLY A 49 -2.91 -13.89 7.02
N GLU A 50 -3.39 -15.11 6.79
CA GLU A 50 -4.06 -15.43 5.55
C GLU A 50 -5.27 -16.31 5.80
N ILE A 51 -6.20 -16.26 4.87
CA ILE A 51 -7.41 -17.04 4.95
C ILE A 51 -7.68 -17.60 3.55
N ILE A 52 -8.05 -18.88 3.52
CA ILE A 52 -8.38 -19.58 2.29
C ILE A 52 -9.90 -19.69 2.36
N PRO A 53 -10.62 -18.78 1.67
CA PRO A 53 -12.09 -18.77 1.67
C PRO A 53 -12.81 -20.06 1.25
N SER A 54 -12.46 -20.62 0.10
CA SER A 54 -13.10 -21.83 -0.40
C SER A 54 -13.08 -23.01 0.57
N TYR A 55 -12.28 -22.89 1.63
CA TYR A 55 -12.18 -23.95 2.62
C TYR A 55 -12.38 -23.35 4.01
N GLY A 56 -11.89 -22.14 4.23
CA GLY A 56 -12.07 -21.47 5.52
C GLY A 56 -10.94 -21.56 6.53
N ARG A 57 -9.77 -22.08 6.13
CA ARG A 57 -8.64 -22.18 7.07
C ARG A 57 -7.83 -20.90 7.12
N ALA A 58 -7.29 -20.60 8.30
CA ALA A 58 -6.49 -19.40 8.50
C ALA A 58 -5.21 -19.68 9.28
N ASN A 59 -4.13 -18.99 8.89
CA ASN A 59 -2.83 -19.13 9.53
C ASN A 59 -2.42 -17.73 9.98
N TYR A 60 -1.65 -17.62 11.06
CA TYR A 60 -1.25 -16.30 11.57
C TYR A 60 0.25 -16.13 11.82
N ASN A 61 0.71 -14.89 11.80
CA ASN A 61 2.11 -14.59 12.07
C ASN A 61 2.43 -15.02 13.51
N GLU A 62 3.39 -15.94 13.68
CA GLU A 62 3.75 -16.44 14.99
C GLU A 62 4.63 -15.56 15.88
N LYS A 63 5.29 -14.56 15.32
CA LYS A 63 6.15 -13.70 16.12
C LYS A 63 5.44 -12.56 16.85
N ILE A 64 4.37 -12.04 16.26
CA ILE A 64 3.63 -10.94 16.87
C ILE A 64 2.41 -11.41 17.65
N GLN A 65 2.07 -10.70 18.73
CA GLN A 65 0.90 -11.05 19.57
C GLN A 65 -0.30 -11.25 18.66
N LYS A 66 -1.04 -12.35 18.83
CA LYS A 66 -2.20 -12.60 17.98
C LYS A 66 -3.48 -11.87 18.40
N LYS A 67 -3.71 -10.70 17.81
CA LYS A 67 -4.90 -9.90 18.12
C LYS A 67 -5.95 -10.00 17.02
N ALA A 68 -5.66 -10.81 16.01
CA ALA A 68 -6.57 -10.98 14.88
C ALA A 68 -7.24 -12.35 14.81
N THR A 69 -8.38 -12.38 14.14
CA THR A 69 -9.14 -13.61 13.95
C THR A 69 -9.79 -13.46 12.57
N LEU A 70 -9.35 -14.27 11.63
CA LEU A 70 -9.88 -14.17 10.27
C LEU A 70 -11.03 -15.10 9.95
N THR A 71 -12.00 -14.56 9.21
CA THR A 71 -13.18 -15.29 8.78
C THR A 71 -13.52 -14.82 7.38
N ALA A 72 -14.37 -15.55 6.68
CA ALA A 72 -14.77 -15.18 5.33
C ALA A 72 -16.20 -15.61 5.03
N ASP A 73 -16.88 -14.84 4.19
CA ASP A 73 -18.26 -15.10 3.81
C ASP A 73 -18.27 -15.44 2.31
N LYS A 74 -18.33 -16.74 2.02
CA LYS A 74 -18.32 -17.22 0.64
C LYS A 74 -19.35 -16.56 -0.29
N SER A 75 -20.58 -16.35 0.22
CA SER A 75 -21.65 -15.76 -0.59
C SER A 75 -21.45 -14.30 -1.01
N SER A 76 -21.08 -13.43 -0.07
CA SER A 76 -20.87 -12.02 -0.38
C SER A 76 -19.44 -11.68 -0.76
N SER A 77 -18.59 -12.70 -0.93
CA SER A 77 -17.20 -12.50 -1.30
C SER A 77 -16.49 -11.49 -0.39
N THR A 78 -16.71 -11.61 0.92
CA THR A 78 -16.11 -10.70 1.88
C THR A 78 -15.25 -11.37 2.96
N ALA A 79 -14.03 -10.86 3.13
CA ALA A 79 -13.11 -11.39 4.13
C ALA A 79 -13.14 -10.47 5.33
N PHE A 80 -13.17 -11.02 6.55
CA PHE A 80 -13.23 -10.22 7.77
C PHE A 80 -12.06 -10.44 8.73
N MET A 81 -11.57 -9.35 9.32
CA MET A 81 -10.51 -9.45 10.32
C MET A 81 -11.00 -8.88 11.65
N GLN A 82 -11.01 -9.75 12.66
CA GLN A 82 -11.47 -9.40 13.99
C GLN A 82 -10.31 -9.03 14.91
N LEU A 83 -10.17 -7.74 15.20
CA LEU A 83 -9.12 -7.26 16.10
C LEU A 83 -9.77 -7.04 17.47
N SER A 84 -9.17 -7.56 18.53
CA SER A 84 -9.75 -7.40 19.86
C SER A 84 -8.81 -6.77 20.88
N SER A 85 -9.39 -6.13 21.90
CA SER A 85 -8.61 -5.49 22.95
C SER A 85 -7.45 -4.69 22.37
N LEU A 86 -7.80 -3.67 21.58
CA LEU A 86 -6.80 -2.83 20.92
C LEU A 86 -6.19 -1.75 21.82
N THR A 87 -4.92 -1.47 21.63
CA THR A 87 -4.22 -0.45 22.39
C THR A 87 -3.55 0.49 21.40
N SER A 88 -2.90 1.55 21.88
CA SER A 88 -2.25 2.51 20.98
C SER A 88 -1.28 1.84 20.00
N GLU A 89 -0.76 0.68 20.37
CA GLU A 89 0.17 -0.06 19.53
C GLU A 89 -0.51 -0.48 18.23
N ASP A 90 -1.78 -0.84 18.35
CA ASP A 90 -2.57 -1.33 17.23
C ASP A 90 -3.08 -0.32 16.21
N SER A 91 -2.85 0.97 16.45
CA SER A 91 -3.28 1.96 15.48
C SER A 91 -2.34 1.86 14.27
N ALA A 92 -2.91 1.75 13.09
CA ALA A 92 -2.12 1.63 11.85
C ALA A 92 -3.04 1.44 10.66
N VAL A 93 -2.45 1.34 9.48
CA VAL A 93 -3.23 1.11 8.28
C VAL A 93 -3.18 -0.37 7.99
N TYR A 94 -4.34 -1.00 7.88
CA TYR A 94 -4.45 -2.42 7.60
C TYR A 94 -4.89 -2.66 6.17
N TYR A 95 -4.04 -3.29 5.37
CA TYR A 95 -4.39 -3.58 3.99
C TYR A 95 -4.80 -5.04 3.88
N CYS A 96 -5.64 -5.36 2.91
CA CYS A 96 -5.94 -6.76 2.65
C CYS A 96 -5.45 -6.91 1.21
N ALA A 97 -4.97 -8.10 0.86
CA ALA A 97 -4.50 -8.33 -0.50
C ALA A 97 -4.93 -9.72 -0.91
N ARG A 98 -4.97 -9.97 -2.22
CA ARG A 98 -5.37 -11.25 -2.75
C ARG A 98 -4.19 -11.89 -3.45
N GLU A 99 -3.93 -13.15 -3.10
CA GLU A 99 -2.86 -13.93 -3.70
C GLU A 99 -3.53 -15.15 -4.31
N ARG A 100 -3.14 -15.48 -5.55
CA ARG A 100 -3.72 -16.61 -6.26
C ARG A 100 -2.98 -17.90 -5.95
N GLY A 101 -2.45 -18.04 -4.75
CA GLY A 101 -1.75 -19.26 -4.41
C GLY A 101 -0.44 -19.46 -5.14
N ASP A 102 0.11 -18.39 -5.69
CA ASP A 102 1.40 -18.47 -6.35
C ASP A 102 2.39 -17.55 -5.66
N GLY A 103 2.05 -17.15 -4.44
CA GLY A 103 2.95 -16.34 -3.62
C GLY A 103 3.11 -14.84 -3.66
N TYR A 104 2.42 -14.14 -4.55
CA TYR A 104 2.60 -12.71 -4.58
C TYR A 104 1.27 -11.99 -4.56
N PHE A 105 1.26 -10.82 -3.94
CA PHE A 105 0.04 -10.06 -3.81
C PHE A 105 -0.30 -9.27 -5.05
N ALA A 106 -1.13 -9.89 -5.87
CA ALA A 106 -1.59 -9.32 -7.13
C ALA A 106 -2.26 -7.96 -6.93
N VAL A 107 -3.19 -7.90 -5.97
CA VAL A 107 -3.91 -6.67 -5.73
C VAL A 107 -4.08 -6.38 -4.25
N TRP A 108 -4.01 -5.09 -3.91
CA TRP A 108 -4.16 -4.66 -2.53
C TRP A 108 -5.37 -3.75 -2.42
N GLY A 109 -5.92 -3.65 -1.21
CA GLY A 109 -7.05 -2.77 -0.97
C GLY A 109 -6.50 -1.37 -0.62
N ALA A 110 -7.36 -0.37 -0.61
CA ALA A 110 -6.92 0.98 -0.29
C ALA A 110 -6.44 1.06 1.16
N GLY A 111 -6.85 0.08 1.95
CA GLY A 111 -6.47 0.03 3.35
C GLY A 111 -7.40 0.82 4.25
N THR A 112 -7.60 0.32 5.47
CA THR A 112 -8.44 0.95 6.48
C THR A 112 -7.59 1.54 7.59
N THR A 113 -7.67 2.85 7.81
CA THR A 113 -6.89 3.48 8.88
C THR A 113 -7.59 3.24 10.21
N VAL A 114 -6.92 2.54 11.11
CA VAL A 114 -7.51 2.27 12.41
C VAL A 114 -6.86 3.19 13.44
N THR A 115 -7.67 3.74 14.33
CA THR A 115 -7.18 4.63 15.37
C THR A 115 -7.73 4.19 16.72
N VAL A 116 -6.82 3.94 17.65
CA VAL A 116 -7.20 3.52 19.00
C VAL A 116 -6.98 4.68 19.94
N SER A 117 -8.04 5.45 20.16
CA SER A 117 -7.98 6.62 21.03
C SER A 117 -9.23 6.67 21.90
N SER A 118 -9.21 7.46 22.96
CA SER A 118 -10.38 7.56 23.83
C SER A 118 -11.21 8.76 23.38
N ALA A 119 -10.64 9.54 22.47
CA ALA A 119 -11.30 10.73 21.94
C ALA A 119 -12.60 10.43 21.21
N LYS A 120 -13.16 11.48 20.60
CA LYS A 120 -14.43 11.36 19.88
C LYS A 120 -14.33 11.80 18.43
N THR A 121 -15.12 11.17 17.57
CA THR A 121 -15.13 11.50 16.15
C THR A 121 -15.57 12.95 16.00
N THR A 122 -14.93 13.66 15.07
CA THR A 122 -15.24 15.06 14.82
C THR A 122 -14.99 15.41 13.37
N PRO A 123 -16.05 15.75 12.63
CA PRO A 123 -15.89 16.11 11.22
C PRO A 123 -15.07 17.38 11.11
N PRO A 124 -14.40 17.56 9.97
CA PRO A 124 -13.56 18.74 9.71
C PRO A 124 -14.30 19.98 9.19
N SER A 125 -13.80 21.16 9.56
CA SER A 125 -14.37 22.42 9.08
C SER A 125 -13.45 22.88 7.95
N VAL A 126 -14.02 23.08 6.77
CA VAL A 126 -13.25 23.48 5.60
C VAL A 126 -13.40 24.96 5.22
N TYR A 127 -12.30 25.70 5.28
CA TYR A 127 -12.31 27.12 4.96
C TYR A 127 -11.48 27.40 3.70
N PRO A 128 -11.93 28.37 2.88
CA PRO A 128 -11.25 28.74 1.64
C PRO A 128 -9.95 29.51 1.85
N LEU A 129 -9.16 29.62 0.77
CA LEU A 129 -7.90 30.34 0.80
C LEU A 129 -7.67 31.01 -0.54
N ALA A 130 -8.16 32.24 -0.66
CA ALA A 130 -7.98 33.00 -1.88
C ALA A 130 -6.91 34.05 -1.60
N PRO A 131 -6.12 34.40 -2.63
CA PRO A 131 -5.06 35.40 -2.44
C PRO A 131 -5.63 36.67 -1.85
N GLY A 132 -4.75 37.53 -1.33
CA GLY A 132 -5.18 38.80 -0.78
C GLY A 132 -5.29 39.83 -1.89
N SER A 133 -6.17 40.81 -1.72
CA SER A 133 -6.37 41.84 -2.73
C SER A 133 -5.08 42.56 -3.15
N ALA A 134 -4.04 42.44 -2.32
CA ALA A 134 -2.76 43.09 -2.60
C ALA A 134 -1.71 42.15 -3.19
N ALA A 135 -2.11 40.89 -3.38
CA ALA A 135 -1.20 39.90 -3.94
C ALA A 135 -1.18 39.93 -5.45
N GLN A 136 -0.05 40.29 -6.03
CA GLN A 136 0.10 40.34 -7.48
C GLN A 136 0.09 38.91 -8.00
N THR A 137 0.20 38.74 -9.31
CA THR A 137 0.21 37.40 -9.89
C THR A 137 1.02 37.33 -11.19
N ASN A 138 1.44 36.12 -11.52
CA ASN A 138 2.21 35.87 -12.74
C ASN A 138 1.30 35.21 -13.76
N SER A 139 1.70 34.03 -14.20
CA SER A 139 0.91 33.27 -15.16
C SER A 139 0.17 32.20 -14.38
N MET A 140 0.59 31.99 -13.14
CA MET A 140 -0.03 31.00 -12.27
C MET A 140 -0.60 31.63 -11.01
N VAL A 141 -1.61 30.99 -10.45
CA VAL A 141 -2.25 31.46 -9.23
C VAL A 141 -2.35 30.27 -8.26
N THR A 142 -2.16 30.55 -6.98
CA THR A 142 -2.20 29.51 -5.98
C THR A 142 -3.37 29.68 -5.02
N LEU A 143 -4.24 28.67 -4.97
CA LEU A 143 -5.39 28.68 -4.10
C LEU A 143 -5.29 27.40 -3.27
N GLY A 144 -6.08 27.33 -2.21
CA GLY A 144 -6.06 26.13 -1.40
C GLY A 144 -7.22 26.12 -0.42
N CYS A 145 -7.31 25.09 0.41
CA CYS A 145 -8.38 25.06 1.40
C CYS A 145 -7.90 24.40 2.69
N LEU A 146 -8.37 24.96 3.80
CA LEU A 146 -8.01 24.53 5.15
C LEU A 146 -8.98 23.54 5.80
N VAL A 147 -8.45 22.41 6.25
CA VAL A 147 -9.25 21.38 6.89
C VAL A 147 -8.72 21.28 8.31
N LYS A 148 -9.54 21.65 9.28
CA LYS A 148 -9.12 21.61 10.68
C LYS A 148 -10.21 21.19 11.65
N GLY A 149 -9.77 20.78 12.84
CA GLY A 149 -10.68 20.36 13.88
C GLY A 149 -11.31 18.99 13.66
N TYR A 150 -10.58 18.07 13.03
CA TYR A 150 -11.14 16.75 12.79
C TYR A 150 -10.40 15.64 13.52
N PHE A 151 -11.07 14.50 13.66
CA PHE A 151 -10.51 13.33 14.33
C PHE A 151 -11.48 12.17 14.16
N PRO A 152 -10.96 10.95 13.90
CA PRO A 152 -9.55 10.60 13.78
C PRO A 152 -9.18 10.77 12.31
N GLU A 153 -7.97 10.39 11.93
CA GLU A 153 -7.57 10.49 10.54
C GLU A 153 -8.23 9.33 9.78
N PRO A 154 -8.22 9.39 8.43
CA PRO A 154 -7.65 10.45 7.61
C PRO A 154 -8.74 11.29 6.92
N VAL A 155 -8.31 12.12 5.98
CA VAL A 155 -9.20 12.95 5.18
C VAL A 155 -8.63 12.89 3.77
N THR A 156 -9.50 12.88 2.77
CA THR A 156 -9.08 12.81 1.38
C THR A 156 -9.49 14.08 0.67
N VAL A 157 -8.51 14.90 0.35
CA VAL A 157 -8.77 16.16 -0.33
C VAL A 157 -8.55 16.05 -1.82
N THR A 158 -9.60 16.36 -2.58
CA THR A 158 -9.55 16.32 -4.04
C THR A 158 -9.91 17.68 -4.60
N TRP A 159 -9.50 17.94 -5.84
CA TRP A 159 -9.81 19.22 -6.47
C TRP A 159 -10.64 19.02 -7.73
N ASN A 160 -11.86 19.58 -7.69
CA ASN A 160 -12.84 19.49 -8.78
C ASN A 160 -13.18 18.03 -9.01
N SER A 161 -13.19 17.27 -7.91
CA SER A 161 -13.52 15.85 -7.93
C SER A 161 -12.52 15.05 -8.77
N GLY A 162 -11.24 15.30 -8.57
CA GLY A 162 -10.21 14.57 -9.28
C GLY A 162 -9.83 15.12 -10.64
N SER A 163 -10.77 15.78 -11.32
CA SER A 163 -10.51 16.34 -12.65
C SER A 163 -9.31 17.27 -12.67
N LEU A 164 -8.89 17.72 -11.50
CA LEU A 164 -7.75 18.61 -11.38
C LEU A 164 -6.71 17.93 -10.49
N SER A 165 -5.79 17.23 -11.13
CA SER A 165 -4.75 16.47 -10.44
C SER A 165 -3.44 17.24 -10.27
N SER A 166 -2.84 17.64 -11.38
CA SER A 166 -1.58 18.35 -11.34
C SER A 166 -1.71 19.67 -10.56
N GLY A 167 -0.61 20.09 -9.93
CA GLY A 167 -0.60 21.33 -9.17
C GLY A 167 -1.06 21.20 -7.73
N VAL A 168 -1.46 19.99 -7.33
CA VAL A 168 -1.96 19.77 -5.97
C VAL A 168 -0.95 19.24 -4.93
N HIS A 169 -1.01 19.82 -3.73
CA HIS A 169 -0.17 19.45 -2.59
C HIS A 169 -1.09 19.34 -1.39
N THR A 170 -1.07 18.21 -0.70
CA THR A 170 -1.88 18.11 0.50
C THR A 170 -0.91 17.80 1.64
N PHE A 171 -0.51 18.84 2.34
CA PHE A 171 0.42 18.72 3.45
C PHE A 171 -0.07 17.74 4.52
N PRO A 172 0.86 17.02 5.17
CA PRO A 172 0.55 16.04 6.22
C PRO A 172 -0.12 16.73 7.40
N ALA A 173 -1.18 16.15 7.94
CA ALA A 173 -1.89 16.74 9.06
C ALA A 173 -0.98 16.93 10.28
N VAL A 174 -1.41 17.73 11.23
CA VAL A 174 -0.67 17.98 12.48
C VAL A 174 -1.66 17.85 13.63
N LEU A 175 -1.23 17.21 14.71
CA LEU A 175 -2.12 17.01 15.85
C LEU A 175 -1.97 18.05 16.95
N GLN A 176 -3.11 18.55 17.43
CA GLN A 176 -3.13 19.54 18.49
C GLN A 176 -4.39 19.43 19.33
N SER A 177 -4.28 18.71 20.45
CA SER A 177 -5.40 18.51 21.37
C SER A 177 -6.59 17.77 20.75
N ASP A 178 -6.42 16.47 20.54
CA ASP A 178 -7.46 15.61 19.98
C ASP A 178 -8.13 16.15 18.72
N LEU A 179 -7.38 16.87 17.90
CA LEU A 179 -7.90 17.44 16.65
C LEU A 179 -6.76 17.67 15.66
N TYR A 180 -6.93 17.18 14.44
CA TYR A 180 -5.92 17.34 13.39
C TYR A 180 -6.19 18.54 12.50
N THR A 181 -5.16 19.01 11.82
CA THR A 181 -5.27 20.14 10.91
C THR A 181 -4.32 19.98 9.72
N LEU A 182 -4.81 20.30 8.53
CA LEU A 182 -3.99 20.24 7.33
C LEU A 182 -4.55 21.12 6.24
N SER A 183 -3.72 21.43 5.25
CA SER A 183 -4.12 22.27 4.14
C SER A 183 -3.72 21.65 2.83
N SER A 184 -4.53 21.85 1.81
CA SER A 184 -4.22 21.36 0.49
C SER A 184 -4.06 22.61 -0.35
N SER A 185 -3.23 22.53 -1.39
CA SER A 185 -3.00 23.68 -2.23
C SER A 185 -3.08 23.24 -3.69
N VAL A 186 -3.55 24.14 -4.53
CA VAL A 186 -3.66 23.86 -5.95
C VAL A 186 -3.15 25.07 -6.71
N THR A 187 -2.69 24.84 -7.94
CA THR A 187 -2.18 25.92 -8.77
C THR A 187 -2.64 25.74 -10.22
N VAL A 188 -3.33 26.77 -10.71
CA VAL A 188 -3.85 26.77 -12.07
C VAL A 188 -3.34 28.02 -12.76
N PRO A 189 -3.48 28.11 -14.09
CA PRO A 189 -2.99 29.34 -14.73
C PRO A 189 -3.91 30.46 -14.24
N SER A 190 -3.31 31.61 -13.93
CA SER A 190 -4.07 32.76 -13.43
C SER A 190 -5.19 33.20 -14.35
N SER A 191 -4.93 33.15 -15.65
CA SER A 191 -5.93 33.54 -16.64
C SER A 191 -7.20 32.70 -16.53
N SER A 192 -7.08 31.47 -16.03
CA SER A 192 -8.24 30.59 -15.91
C SER A 192 -9.08 30.75 -14.64
N TRP A 193 -8.67 31.65 -13.75
CA TRP A 193 -9.44 31.85 -12.51
C TRP A 193 -9.84 33.32 -12.29
N PRO A 194 -11.07 33.56 -11.81
CA PRO A 194 -12.07 32.55 -11.47
C PRO A 194 -13.10 32.27 -12.58
N SER A 195 -12.75 32.58 -13.83
CA SER A 195 -13.64 32.32 -14.95
C SER A 195 -14.03 30.85 -14.91
N GLU A 196 -13.04 29.99 -14.70
CA GLU A 196 -13.27 28.56 -14.60
C GLU A 196 -13.27 28.22 -13.11
N THR A 197 -14.35 27.62 -12.63
CA THR A 197 -14.46 27.29 -11.21
C THR A 197 -13.35 26.34 -10.71
N VAL A 198 -13.11 26.38 -9.40
CA VAL A 198 -12.11 25.56 -8.74
C VAL A 198 -12.59 25.26 -7.32
N THR A 199 -12.97 24.02 -7.06
CA THR A 199 -13.47 23.64 -5.74
C THR A 199 -12.71 22.46 -5.10
N CYS A 200 -12.64 22.47 -3.78
CA CYS A 200 -11.96 21.41 -3.06
C CYS A 200 -13.00 20.53 -2.37
N ASN A 201 -12.89 19.21 -2.59
CA ASN A 201 -13.81 18.24 -2.00
C ASN A 201 -13.06 17.53 -0.86
N VAL A 202 -13.64 17.58 0.33
CA VAL A 202 -13.03 16.97 1.50
C VAL A 202 -13.87 15.84 2.09
N ALA A 203 -13.32 14.64 2.10
CA ALA A 203 -14.04 13.50 2.63
C ALA A 203 -13.39 13.05 3.93
N HIS A 204 -14.22 12.77 4.93
CA HIS A 204 -13.73 12.31 6.22
C HIS A 204 -14.51 11.09 6.71
N PRO A 205 -14.13 9.91 6.21
CA PRO A 205 -14.71 8.58 6.49
C PRO A 205 -15.16 8.28 7.92
N ALA A 206 -14.34 8.62 8.90
CA ALA A 206 -14.70 8.34 10.29
C ALA A 206 -16.05 8.94 10.71
N SER A 207 -16.51 9.94 9.97
CA SER A 207 -17.77 10.61 10.24
C SER A 207 -18.72 10.48 9.05
N SER A 208 -18.28 9.76 8.03
CA SER A 208 -19.10 9.56 6.84
C SER A 208 -19.57 10.92 6.35
N THR A 209 -18.66 11.89 6.33
CA THR A 209 -19.01 13.23 5.89
C THR A 209 -18.07 13.81 4.83
N LYS A 210 -18.60 13.97 3.62
CA LYS A 210 -17.84 14.54 2.52
C LYS A 210 -18.47 15.91 2.24
N VAL A 211 -17.64 16.94 2.12
CA VAL A 211 -18.14 18.29 1.85
C VAL A 211 -17.34 19.05 0.81
N ASP A 212 -18.00 19.97 0.11
CA ASP A 212 -17.36 20.78 -0.91
C ASP A 212 -17.23 22.21 -0.44
N LYS A 213 -16.47 23.00 -1.18
CA LYS A 213 -16.28 24.42 -0.86
C LYS A 213 -15.54 25.08 -2.02
N LYS A 214 -16.29 25.86 -2.81
CA LYS A 214 -15.74 26.56 -3.96
C LYS A 214 -14.78 27.66 -3.49
N ILE A 215 -13.79 27.97 -4.33
CA ILE A 215 -12.81 29.00 -4.00
C ILE A 215 -12.98 30.23 -4.89
N VAL A 216 -13.57 31.27 -4.33
CA VAL A 216 -13.81 32.52 -5.06
C VAL A 216 -12.95 33.66 -4.52
N PRO A 217 -12.64 34.64 -5.38
CA PRO A 217 -11.82 35.78 -4.95
C PRO A 217 -12.56 36.59 -3.89
N ARG A 218 -11.80 37.30 -3.06
CA ARG A 218 -12.38 38.12 -1.99
C ARG A 218 -13.10 39.34 -2.59
N ASP A 219 -14.14 39.79 -1.90
CA ASP A 219 -14.96 40.93 -2.32
C ASP A 219 -14.21 42.15 -2.87
N ASP B 1 12.53 -18.25 10.19
CA ASP B 1 11.71 -17.49 9.20
C ASP B 1 12.60 -16.52 8.43
N ILE B 2 12.48 -16.58 7.10
CA ILE B 2 13.31 -15.78 6.21
C ILE B 2 13.29 -14.28 6.42
N LEU B 3 14.50 -13.73 6.56
CA LEU B 3 14.71 -12.31 6.76
C LEU B 3 15.26 -11.71 5.46
N LEU B 4 14.57 -10.66 4.99
CA LEU B 4 14.93 -9.95 3.77
C LEU B 4 15.57 -8.63 4.17
N THR B 5 16.85 -8.47 3.80
CA THR B 5 17.58 -7.25 4.12
C THR B 5 17.62 -6.30 2.93
N GLN B 6 17.20 -5.06 3.15
CA GLN B 6 17.22 -4.04 2.11
C GLN B 6 18.14 -2.89 2.51
N SER B 7 19.28 -2.79 1.83
CA SER B 7 20.27 -1.77 2.12
C SER B 7 21.00 -1.32 0.85
N PRO B 8 21.24 -0.01 0.71
CA PRO B 8 20.86 1.05 1.67
C PRO B 8 19.35 1.28 1.80
N ALA B 9 18.95 1.88 2.91
CA ALA B 9 17.56 2.16 3.17
C ALA B 9 17.07 3.34 2.34
N ILE B 10 17.99 4.17 1.88
CA ILE B 10 17.65 5.33 1.04
C ILE B 10 18.61 5.38 -0.14
N LEU B 11 18.11 5.81 -1.29
CA LEU B 11 18.92 5.88 -2.50
C LEU B 11 18.68 7.19 -3.22
N SER B 12 19.75 7.96 -3.42
CA SER B 12 19.67 9.24 -4.11
C SER B 12 20.32 9.14 -5.48
N VAL B 13 19.53 9.41 -6.51
CA VAL B 13 20.04 9.34 -7.88
C VAL B 13 19.52 10.57 -8.64
N SER B 14 20.23 10.95 -9.71
CA SER B 14 19.84 12.10 -10.51
C SER B 14 18.99 11.72 -11.72
N PRO B 15 18.07 12.59 -12.13
CA PRO B 15 17.17 12.39 -13.27
C PRO B 15 17.80 11.67 -14.45
N GLY B 16 17.10 10.65 -14.96
CA GLY B 16 17.60 9.90 -16.10
C GLY B 16 18.66 8.84 -15.82
N GLU B 17 19.22 8.86 -14.62
CA GLU B 17 20.26 7.90 -14.25
C GLU B 17 19.68 6.51 -13.94
N ARG B 18 20.55 5.49 -13.93
CA ARG B 18 20.10 4.13 -13.63
C ARG B 18 20.27 3.86 -12.13
N VAL B 19 19.25 3.29 -11.51
CA VAL B 19 19.32 3.00 -10.08
C VAL B 19 19.07 1.51 -9.83
N SER B 20 19.64 0.99 -8.74
CA SER B 20 19.50 -0.42 -8.38
C SER B 20 19.20 -0.60 -6.90
N PHE B 21 18.17 -1.39 -6.60
CA PHE B 21 17.77 -1.67 -5.21
C PHE B 21 18.22 -3.09 -4.87
N SER B 22 18.80 -3.23 -3.69
CA SER B 22 19.30 -4.53 -3.26
C SER B 22 18.41 -5.21 -2.22
N CYS B 23 18.27 -6.53 -2.35
CA CYS B 23 17.48 -7.30 -1.42
C CYS B 23 18.19 -8.64 -1.19
N ARG B 24 18.66 -8.88 0.03
CA ARG B 24 19.32 -10.14 0.35
C ARG B 24 18.55 -11.04 1.33
N ALA B 25 18.45 -12.32 1.01
CA ALA B 25 17.76 -13.28 1.86
C ALA B 25 18.74 -14.04 2.76
N SER B 26 18.30 -14.35 3.99
CA SER B 26 19.11 -15.05 4.97
C SER B 26 19.35 -16.52 4.66
N GLN B 27 18.86 -16.96 3.50
CA GLN B 27 19.03 -18.34 3.03
C GLN B 27 18.58 -18.36 1.57
N SER B 28 19.01 -19.36 0.81
CA SER B 28 18.64 -19.45 -0.61
C SER B 28 17.16 -19.71 -0.84
N ILE B 29 16.53 -18.86 -1.66
CA ILE B 29 15.09 -18.97 -1.95
C ILE B 29 14.74 -19.01 -3.46
N GLY B 30 15.70 -19.41 -4.29
CA GLY B 30 15.50 -19.50 -5.72
C GLY B 30 15.24 -18.14 -6.32
N THR B 31 14.08 -18.00 -6.96
CA THR B 31 13.69 -16.75 -7.57
C THR B 31 12.33 -16.36 -7.03
N ASP B 32 12.04 -16.80 -5.80
CA ASP B 32 10.76 -16.53 -5.13
C ASP B 32 10.73 -15.19 -4.40
N ILE B 33 11.10 -14.14 -5.12
CA ILE B 33 11.11 -12.81 -4.56
C ILE B 33 10.23 -11.93 -5.46
N HIS B 34 9.48 -11.03 -4.84
CA HIS B 34 8.58 -10.16 -5.58
C HIS B 34 8.81 -8.72 -5.14
N TRP B 35 8.62 -7.76 -6.02
CA TRP B 35 8.85 -6.37 -5.67
C TRP B 35 7.59 -5.50 -5.68
N TYR B 36 7.49 -4.64 -4.67
CA TYR B 36 6.35 -3.76 -4.56
C TYR B 36 6.73 -2.29 -4.49
N GLN B 37 5.91 -1.46 -5.12
CA GLN B 37 6.14 -0.03 -5.10
C GLN B 37 5.03 0.61 -4.27
N GLN B 38 5.40 1.60 -3.46
CA GLN B 38 4.39 2.30 -2.68
C GLN B 38 4.72 3.79 -2.54
N ARG B 39 3.90 4.60 -3.21
CA ARG B 39 4.04 6.05 -3.16
C ARG B 39 3.40 6.57 -1.88
N THR B 40 3.73 7.81 -1.54
CA THR B 40 3.17 8.45 -0.35
C THR B 40 1.65 8.38 -0.42
N ASN B 41 1.04 7.84 0.63
CA ASN B 41 -0.42 7.71 0.72
C ASN B 41 -1.11 6.61 -0.10
N GLY B 42 -0.38 5.98 -1.01
CA GLY B 42 -0.98 4.92 -1.80
C GLY B 42 -0.76 3.55 -1.18
N SER B 43 -1.37 2.52 -1.76
CA SER B 43 -1.19 1.17 -1.26
C SER B 43 -0.10 0.49 -2.11
N PRO B 44 0.50 -0.59 -1.61
CA PRO B 44 1.55 -1.23 -2.42
C PRO B 44 1.05 -1.73 -3.78
N ARG B 45 1.93 -1.73 -4.78
CA ARG B 45 1.58 -2.21 -6.12
C ARG B 45 2.68 -3.11 -6.70
N LEU B 46 2.33 -4.35 -7.03
CA LEU B 46 3.27 -5.31 -7.59
C LEU B 46 4.02 -4.74 -8.79
N LEU B 47 5.35 -4.84 -8.79
CA LEU B 47 6.20 -4.33 -9.88
C LEU B 47 6.81 -5.42 -10.71
N ILE B 48 7.46 -6.35 -10.01
CA ILE B 48 8.10 -7.50 -10.62
C ILE B 48 7.83 -8.70 -9.75
N LYS B 49 7.52 -9.83 -10.36
CA LYS B 49 7.26 -11.05 -9.62
C LYS B 49 8.30 -12.09 -10.02
N TYR B 50 8.58 -13.02 -9.12
CA TYR B 50 9.57 -14.05 -9.36
C TYR B 50 10.90 -13.48 -9.81
N ALA B 51 11.35 -12.47 -9.08
CA ALA B 51 12.63 -11.83 -9.31
C ALA B 51 12.83 -11.15 -10.65
N SER B 52 12.28 -11.69 -11.72
CA SER B 52 12.51 -11.02 -12.99
C SER B 52 11.36 -10.97 -13.97
N GLU B 53 10.16 -11.39 -13.56
CA GLU B 53 9.03 -11.37 -14.49
C GLU B 53 8.25 -10.07 -14.57
N SER B 54 7.98 -9.65 -15.80
CA SER B 54 7.25 -8.42 -16.08
C SER B 54 5.79 -8.54 -15.71
N ILE B 55 5.20 -7.42 -15.31
CA ILE B 55 3.80 -7.36 -14.97
C ILE B 55 3.23 -6.38 -16.01
N SER B 56 1.99 -6.60 -16.43
CA SER B 56 1.40 -5.72 -17.43
C SER B 56 0.95 -4.41 -16.77
N GLY B 57 1.19 -3.30 -17.46
CA GLY B 57 0.78 -2.01 -16.94
C GLY B 57 1.86 -1.35 -16.11
N ILE B 58 3.09 -1.79 -16.30
CA ILE B 58 4.22 -1.25 -15.58
C ILE B 58 5.32 -0.86 -16.56
N PRO B 59 5.73 0.41 -16.55
CA PRO B 59 6.77 0.91 -17.46
C PRO B 59 7.86 -0.11 -17.74
N SER B 60 8.15 -0.31 -19.02
CA SER B 60 9.18 -1.24 -19.45
C SER B 60 10.51 -0.89 -18.79
N ARG B 61 10.52 0.29 -18.17
CA ARG B 61 11.67 0.86 -17.47
C ARG B 61 12.14 -0.01 -16.29
N PHE B 62 11.18 -0.65 -15.61
CA PHE B 62 11.42 -1.51 -14.45
C PHE B 62 11.86 -2.93 -14.78
N SER B 63 12.94 -3.39 -14.17
CA SER B 63 13.38 -4.76 -14.39
C SER B 63 13.92 -5.33 -13.09
N GLY B 64 14.16 -6.63 -13.07
CA GLY B 64 14.69 -7.23 -11.85
C GLY B 64 15.57 -8.38 -12.22
N SER B 65 16.44 -8.79 -11.30
CA SER B 65 17.33 -9.90 -11.57
C SER B 65 17.88 -10.51 -10.29
N GLY B 66 18.44 -11.71 -10.40
CA GLY B 66 19.01 -12.38 -9.24
C GLY B 66 18.46 -13.76 -8.99
N SER B 67 19.06 -14.47 -8.05
CA SER B 67 18.60 -15.81 -7.69
C SER B 67 19.40 -16.29 -6.50
N GLY B 68 18.77 -17.10 -5.67
CA GLY B 68 19.45 -17.61 -4.48
C GLY B 68 19.21 -16.71 -3.28
N THR B 69 20.18 -15.87 -2.94
CA THR B 69 20.09 -14.97 -1.80
C THR B 69 20.22 -13.48 -2.16
N ASP B 70 20.78 -13.17 -3.33
CA ASP B 70 20.95 -11.78 -3.73
C ASP B 70 20.04 -11.36 -4.88
N PHE B 71 19.20 -10.36 -4.63
CA PHE B 71 18.25 -9.86 -5.64
C PHE B 71 18.34 -8.38 -5.89
N THR B 72 18.08 -8.00 -7.14
CA THR B 72 18.15 -6.61 -7.55
C THR B 72 16.90 -6.14 -8.30
N LEU B 73 16.50 -4.91 -8.03
CA LEU B 73 15.38 -4.27 -8.73
C LEU B 73 16.03 -3.06 -9.37
N SER B 74 15.98 -2.97 -10.70
CA SER B 74 16.59 -1.83 -11.36
C SER B 74 15.59 -0.98 -12.12
N ILE B 75 15.86 0.31 -12.16
CA ILE B 75 15.03 1.26 -12.89
C ILE B 75 15.99 1.93 -13.85
N ASN B 76 15.82 1.66 -15.14
CA ASN B 76 16.68 2.26 -16.15
C ASN B 76 16.14 3.66 -16.46
N SER B 77 16.92 4.70 -16.14
CA SER B 77 16.46 6.07 -16.37
C SER B 77 15.30 6.47 -15.45
N VAL B 78 15.64 6.84 -14.21
CA VAL B 78 14.64 7.22 -13.22
C VAL B 78 13.90 8.49 -13.61
N GLU B 79 12.78 8.75 -12.92
CA GLU B 79 12.01 9.94 -13.18
C GLU B 79 11.04 10.15 -12.03
N SER B 80 10.79 11.41 -11.74
CA SER B 80 9.93 11.83 -10.63
C SER B 80 8.76 10.92 -10.24
N GLU B 81 8.13 10.24 -11.20
CA GLU B 81 7.00 9.37 -10.86
C GLU B 81 7.43 8.15 -10.06
N ASP B 82 8.74 7.88 -10.05
CA ASP B 82 9.30 6.73 -9.34
C ASP B 82 9.67 6.98 -7.90
N ILE B 83 9.49 8.20 -7.42
CA ILE B 83 9.82 8.50 -6.04
C ILE B 83 8.84 7.77 -5.12
N ALA B 84 9.39 6.83 -4.35
CA ALA B 84 8.59 6.02 -3.44
C ALA B 84 9.42 5.05 -2.60
N ASN B 85 8.71 4.16 -1.93
CA ASN B 85 9.29 3.13 -1.11
C ASN B 85 9.22 1.81 -1.87
N TYR B 86 10.29 1.02 -1.80
CA TYR B 86 10.34 -0.23 -2.50
C TYR B 86 10.55 -1.40 -1.56
N TYR B 87 9.70 -2.40 -1.69
CA TYR B 87 9.79 -3.56 -0.83
C TYR B 87 9.92 -4.85 -1.60
N CYS B 88 10.69 -5.79 -1.04
CA CYS B 88 10.80 -7.11 -1.63
C CYS B 88 9.97 -8.02 -0.71
N GLN B 89 9.48 -9.12 -1.26
CA GLN B 89 8.66 -10.09 -0.53
C GLN B 89 9.03 -11.49 -1.00
N GLN B 90 9.22 -12.42 -0.08
CA GLN B 90 9.56 -13.78 -0.49
C GLN B 90 8.42 -14.76 -0.23
N SER B 91 8.31 -15.74 -1.12
CA SER B 91 7.27 -16.76 -1.00
C SER B 91 7.89 -18.15 -1.05
N ASN B 92 9.19 -18.24 -0.80
CA ASN B 92 9.86 -19.52 -0.82
C ASN B 92 9.46 -20.38 0.37
N ARG B 93 9.41 -19.77 1.54
CA ARG B 93 9.05 -20.51 2.75
C ARG B 93 8.03 -19.77 3.59
N TRP B 94 7.17 -20.53 4.27
CA TRP B 94 6.14 -19.97 5.13
C TRP B 94 6.70 -19.50 6.47
N PRO B 95 6.31 -18.32 6.94
CA PRO B 95 5.38 -17.35 6.36
C PRO B 95 6.09 -16.43 5.38
N PHE B 96 5.30 -15.82 4.49
CA PHE B 96 5.82 -14.87 3.52
C PHE B 96 6.36 -13.75 4.38
N THR B 97 7.41 -13.07 3.92
CA THR B 97 7.98 -11.98 4.68
C THR B 97 8.36 -10.84 3.76
N PHE B 98 8.43 -9.63 4.34
CA PHE B 98 8.76 -8.42 3.60
C PHE B 98 10.09 -7.82 4.04
N GLY B 99 10.71 -7.07 3.12
CA GLY B 99 11.95 -6.40 3.43
C GLY B 99 11.57 -5.12 4.15
N SER B 100 12.53 -4.49 4.82
CA SER B 100 12.25 -3.28 5.56
C SER B 100 11.97 -2.08 4.66
N GLY B 101 12.40 -2.18 3.40
CA GLY B 101 12.17 -1.11 2.45
C GLY B 101 13.30 -0.16 2.14
N THR B 102 13.27 0.37 0.92
CA THR B 102 14.25 1.33 0.45
C THR B 102 13.51 2.52 -0.23
N LYS B 103 13.82 3.72 0.26
CA LYS B 103 13.22 4.95 -0.26
C LYS B 103 14.02 5.48 -1.46
N LEU B 104 13.32 5.83 -2.55
CA LEU B 104 14.02 6.38 -3.71
C LEU B 104 14.01 7.90 -3.61
N GLU B 105 15.08 8.51 -4.06
CA GLU B 105 15.20 9.95 -3.99
C GLU B 105 15.90 10.57 -5.19
N ILE B 106 15.22 11.53 -5.81
CA ILE B 106 15.74 12.23 -6.99
C ILE B 106 16.45 13.54 -6.62
N LYS B 107 17.55 13.81 -7.32
CA LYS B 107 18.31 15.03 -7.09
C LYS B 107 18.22 15.90 -8.34
N ARG B 108 17.40 16.93 -8.23
CA ARG B 108 17.18 17.86 -9.34
C ARG B 108 17.88 19.17 -9.03
N ALA B 109 17.79 20.11 -9.98
CA ALA B 109 18.41 21.42 -9.83
C ALA B 109 17.74 22.18 -8.69
N ASP B 110 18.45 23.16 -8.14
CA ASP B 110 17.90 23.97 -7.06
C ASP B 110 16.66 24.69 -7.56
N ALA B 111 15.72 24.91 -6.65
CA ALA B 111 14.50 25.59 -6.99
C ALA B 111 14.12 26.45 -5.80
N ALA B 112 13.81 27.72 -6.06
CA ALA B 112 13.41 28.64 -5.00
C ALA B 112 11.93 28.36 -4.75
N PRO B 113 11.47 28.59 -3.50
CA PRO B 113 10.08 28.36 -3.16
C PRO B 113 9.11 29.43 -3.68
N THR B 114 7.91 29.00 -4.03
CA THR B 114 6.88 29.91 -4.47
C THR B 114 6.09 30.17 -3.19
N VAL B 115 6.22 31.37 -2.63
CA VAL B 115 5.55 31.72 -1.38
C VAL B 115 4.20 32.38 -1.60
N SER B 116 3.25 32.02 -0.74
CA SER B 116 1.90 32.57 -0.82
C SER B 116 1.37 32.78 0.59
N ILE B 117 0.77 33.93 0.82
CA ILE B 117 0.22 34.23 2.15
C ILE B 117 -1.29 34.33 1.99
N PHE B 118 -2.03 33.73 2.92
CA PHE B 118 -3.48 33.75 2.85
C PHE B 118 -4.11 34.24 4.15
N PRO B 119 -5.01 35.23 4.06
CA PRO B 119 -5.66 35.73 5.28
C PRO B 119 -6.74 34.74 5.67
N PRO B 120 -7.17 34.76 6.94
CA PRO B 120 -8.22 33.84 7.37
C PRO B 120 -9.52 34.09 6.61
N SER B 121 -10.38 33.07 6.54
CA SER B 121 -11.65 33.19 5.83
C SER B 121 -12.74 33.86 6.64
N SER B 122 -13.72 34.43 5.94
CA SER B 122 -14.83 35.09 6.60
C SER B 122 -15.62 34.02 7.38
N GLU B 123 -15.79 32.86 6.76
CA GLU B 123 -16.52 31.75 7.38
C GLU B 123 -15.85 31.34 8.69
N GLN B 124 -14.54 31.54 8.77
CA GLN B 124 -13.82 31.17 9.98
C GLN B 124 -13.93 32.23 11.07
N LEU B 125 -13.71 33.49 10.70
CA LEU B 125 -13.80 34.58 11.67
C LEU B 125 -15.20 34.56 12.28
N THR B 126 -16.18 34.25 11.43
CA THR B 126 -17.59 34.18 11.84
C THR B 126 -17.80 33.16 12.95
N SER B 127 -16.72 32.53 13.41
CA SER B 127 -16.84 31.54 14.46
C SER B 127 -15.77 31.67 15.53
N GLY B 128 -15.20 32.88 15.66
CA GLY B 128 -14.20 33.14 16.68
C GLY B 128 -12.75 32.77 16.41
N GLY B 129 -12.48 32.17 15.27
CA GLY B 129 -11.11 31.78 14.98
C GLY B 129 -10.52 32.56 13.82
N ALA B 130 -9.21 32.38 13.62
CA ALA B 130 -8.50 33.07 12.55
C ALA B 130 -7.17 32.36 12.30
N SER B 131 -6.99 31.83 11.09
CA SER B 131 -5.77 31.14 10.73
C SER B 131 -5.11 31.73 9.49
N VAL B 132 -3.88 32.23 9.65
CA VAL B 132 -3.16 32.81 8.53
C VAL B 132 -2.22 31.73 7.97
N VAL B 133 -2.56 31.21 6.80
CA VAL B 133 -1.78 30.16 6.16
C VAL B 133 -0.76 30.68 5.16
N CYS B 134 0.42 30.07 5.17
CA CYS B 134 1.49 30.45 4.26
C CYS B 134 2.09 29.20 3.60
N PHE B 135 2.23 29.24 2.28
CA PHE B 135 2.77 28.12 1.52
C PHE B 135 4.13 28.38 0.91
N LEU B 136 5.05 27.45 1.13
CA LEU B 136 6.40 27.49 0.55
C LEU B 136 6.39 26.29 -0.39
N ASN B 137 6.05 26.54 -1.65
CA ASN B 137 5.92 25.49 -2.64
C ASN B 137 7.01 25.22 -3.67
N ASN B 138 7.15 23.93 -3.97
CA ASN B 138 8.08 23.42 -4.97
C ASN B 138 9.52 23.90 -4.90
N PHE B 139 10.14 23.79 -3.73
CA PHE B 139 11.50 24.21 -3.58
C PHE B 139 12.45 23.02 -3.50
N TYR B 140 13.74 23.29 -3.64
CA TYR B 140 14.74 22.24 -3.61
C TYR B 140 16.13 22.87 -3.54
N PRO B 141 16.99 22.38 -2.63
CA PRO B 141 16.81 21.30 -1.64
C PRO B 141 15.60 21.44 -0.71
N LYS B 142 15.40 20.47 0.16
CA LYS B 142 14.26 20.48 1.07
C LYS B 142 14.42 21.38 2.29
N ASP B 143 15.65 21.75 2.61
CA ASP B 143 15.93 22.60 3.77
C ASP B 143 15.44 24.03 3.57
N ILE B 144 14.59 24.48 4.49
CA ILE B 144 14.05 25.82 4.40
C ILE B 144 13.54 26.29 5.77
N ASN B 145 13.59 27.61 5.99
CA ASN B 145 13.14 28.21 7.27
C ASN B 145 12.04 29.24 7.06
N VAL B 146 11.02 29.18 7.91
CA VAL B 146 9.90 30.10 7.81
C VAL B 146 9.82 30.95 9.07
N LYS B 147 9.67 32.26 8.88
CA LYS B 147 9.58 33.20 10.01
C LYS B 147 8.33 34.06 9.93
N TRP B 148 7.67 34.22 11.08
CA TRP B 148 6.46 35.04 11.14
C TRP B 148 6.70 36.37 11.84
N LYS B 149 6.09 37.41 11.30
CA LYS B 149 6.19 38.76 11.84
C LYS B 149 4.83 39.42 11.87
N ILE B 150 4.45 39.91 13.04
CA ILE B 150 3.19 40.61 13.21
C ILE B 150 3.53 42.06 13.52
N ASP B 151 3.09 42.95 12.64
CA ASP B 151 3.36 44.38 12.77
C ASP B 151 4.83 44.69 13.01
N GLY B 152 5.70 43.97 12.29
CA GLY B 152 7.12 44.18 12.43
C GLY B 152 7.86 43.28 13.39
N SER B 153 7.14 42.69 14.35
CA SER B 153 7.77 41.80 15.33
C SER B 153 7.60 40.30 15.10
N GLU B 154 8.71 39.58 15.17
CA GLU B 154 8.74 38.12 14.97
C GLU B 154 7.78 37.38 15.92
N ARG B 155 7.00 36.48 15.35
CA ARG B 155 6.04 35.68 16.13
C ARG B 155 6.48 34.22 16.15
N GLN B 156 6.24 33.53 17.26
CA GLN B 156 6.62 32.13 17.38
C GLN B 156 5.49 31.27 17.95
N ASN B 157 4.48 31.89 18.55
CA ASN B 157 3.38 31.14 19.12
C ASN B 157 2.34 30.75 18.07
N GLY B 158 1.57 29.70 18.38
CA GLY B 158 0.54 29.23 17.48
C GLY B 158 1.01 29.03 16.05
N VAL B 159 2.27 28.65 15.87
CA VAL B 159 2.84 28.43 14.54
C VAL B 159 3.24 26.96 14.30
N LEU B 160 2.35 26.21 13.64
CA LEU B 160 2.60 24.80 13.34
C LEU B 160 2.95 24.66 11.86
N ASN B 161 4.04 23.97 11.57
CA ASN B 161 4.46 23.76 10.19
C ASN B 161 4.25 22.32 9.76
N SER B 162 4.37 22.07 8.46
CA SER B 162 4.21 20.73 7.89
C SER B 162 5.01 20.64 6.60
N TRP B 163 5.74 19.55 6.42
CA TRP B 163 6.56 19.36 5.23
C TRP B 163 6.07 18.14 4.47
N THR B 164 6.03 18.23 3.15
CA THR B 164 5.60 17.11 2.33
C THR B 164 6.84 16.29 1.99
N ASP B 165 6.65 15.05 1.55
CA ASP B 165 7.77 14.21 1.14
C ASP B 165 8.07 14.66 -0.27
N GLN B 166 9.24 14.31 -0.80
CA GLN B 166 9.57 14.72 -2.15
C GLN B 166 8.41 14.40 -3.08
N ASP B 167 7.94 15.43 -3.76
CA ASP B 167 6.82 15.34 -4.69
C ASP B 167 7.13 14.41 -5.86
N SER B 168 6.15 13.61 -6.27
CA SER B 168 6.33 12.68 -7.37
C SER B 168 6.03 13.34 -8.71
N LYS B 169 5.65 14.60 -8.71
CA LYS B 169 5.36 15.28 -9.97
C LYS B 169 6.62 15.97 -10.52
N ASP B 170 7.40 16.60 -9.63
CA ASP B 170 8.61 17.32 -10.06
C ASP B 170 9.83 17.18 -9.16
N SER B 171 9.79 16.24 -8.22
CA SER B 171 10.92 16.01 -7.31
C SER B 171 11.28 17.23 -6.45
N THR B 172 10.28 18.02 -6.05
CA THR B 172 10.57 19.19 -5.22
C THR B 172 9.97 18.97 -3.86
N TYR B 173 10.05 19.99 -3.01
CA TYR B 173 9.47 19.88 -1.69
C TYR B 173 8.55 21.07 -1.47
N SER B 174 7.68 20.96 -0.49
CA SER B 174 6.77 22.04 -0.20
C SER B 174 6.53 22.04 1.28
N MET B 175 6.22 23.21 1.82
CA MET B 175 6.00 23.33 3.24
C MET B 175 4.81 24.25 3.52
N SER B 176 4.13 23.99 4.62
CA SER B 176 3.00 24.82 5.01
C SER B 176 3.22 25.34 6.43
N SER B 177 3.04 26.65 6.61
CA SER B 177 3.21 27.27 7.92
C SER B 177 1.90 27.94 8.31
N THR B 178 1.41 27.63 9.50
CA THR B 178 0.13 28.17 9.95
C THR B 178 0.14 28.85 11.32
N LEU B 179 -0.24 30.14 11.30
CA LEU B 179 -0.31 30.97 12.49
C LEU B 179 -1.79 31.03 12.90
N THR B 180 -2.13 30.44 14.04
CA THR B 180 -3.53 30.43 14.48
C THR B 180 -3.75 31.30 15.71
N LEU B 181 -4.66 32.27 15.56
CA LEU B 181 -4.99 33.20 16.64
C LEU B 181 -6.52 33.30 16.75
N THR B 182 -6.99 33.86 17.86
CA THR B 182 -8.43 34.06 18.06
C THR B 182 -8.77 35.34 17.31
N LYS B 183 -10.04 35.54 16.97
CA LYS B 183 -10.41 36.76 16.25
C LYS B 183 -9.91 37.95 17.06
N ASP B 184 -10.19 37.92 18.37
CA ASP B 184 -9.78 38.97 19.29
C ASP B 184 -8.28 39.31 19.15
N GLU B 185 -7.45 38.28 19.25
CA GLU B 185 -6.00 38.43 19.13
C GLU B 185 -5.65 38.93 17.72
N TYR B 186 -6.38 38.44 16.73
CA TYR B 186 -6.18 38.81 15.34
C TYR B 186 -6.58 40.26 15.08
N GLU B 187 -7.64 40.70 15.74
CA GLU B 187 -8.17 42.06 15.57
C GLU B 187 -7.22 43.19 15.92
N ARG B 188 -6.52 43.06 17.04
CA ARG B 188 -5.60 44.10 17.47
C ARG B 188 -4.18 43.97 16.88
N HIS B 189 -4.13 43.90 15.55
CA HIS B 189 -2.88 43.79 14.80
C HIS B 189 -3.20 44.14 13.35
N ASN B 190 -2.20 44.67 12.63
CA ASN B 190 -2.45 45.09 11.27
C ASN B 190 -1.81 44.23 10.17
N SER B 191 -0.48 44.22 10.11
CA SER B 191 0.18 43.45 9.07
C SER B 191 0.79 42.11 9.51
N TYR B 192 0.56 41.10 8.68
CA TYR B 192 1.09 39.77 8.92
C TYR B 192 2.02 39.45 7.76
N THR B 193 3.23 39.00 8.09
CA THR B 193 4.21 38.68 7.07
C THR B 193 4.76 37.28 7.28
N CYS B 194 5.21 36.66 6.18
CA CYS B 194 5.75 35.31 6.20
C CYS B 194 7.09 35.38 5.46
N GLU B 195 8.17 35.01 6.14
CA GLU B 195 9.50 35.05 5.54
C GLU B 195 10.16 33.70 5.36
N ALA B 196 10.60 33.42 4.15
CA ALA B 196 11.25 32.15 3.84
C ALA B 196 12.70 32.31 3.44
N THR B 197 13.57 31.70 4.23
CA THR B 197 15.01 31.72 3.98
C THR B 197 15.36 30.40 3.32
N HIS B 198 16.03 30.46 2.17
CA HIS B 198 16.37 29.24 1.45
C HIS B 198 17.64 29.37 0.62
N LYS B 199 18.38 28.27 0.57
CA LYS B 199 19.65 28.15 -0.16
C LYS B 199 19.72 28.90 -1.49
N THR B 200 18.60 29.00 -2.19
CA THR B 200 18.57 29.67 -3.48
C THR B 200 18.71 31.19 -3.47
N SER B 201 18.63 31.79 -2.28
CA SER B 201 18.73 33.25 -2.19
C SER B 201 19.27 33.73 -0.84
N THR B 202 20.30 34.55 -0.90
CA THR B 202 20.90 35.11 0.32
C THR B 202 19.87 35.98 1.04
N SER B 203 18.91 36.49 0.26
CA SER B 203 17.84 37.34 0.79
C SER B 203 16.55 36.54 0.98
N PRO B 204 15.82 36.77 2.08
CA PRO B 204 14.58 36.04 2.33
C PRO B 204 13.43 36.45 1.41
N ILE B 205 12.62 35.47 1.01
CA ILE B 205 11.46 35.75 0.16
C ILE B 205 10.36 36.12 1.15
N VAL B 206 9.74 37.29 0.96
CA VAL B 206 8.71 37.76 1.88
C VAL B 206 7.33 37.97 1.24
N LYS B 207 6.30 37.79 2.05
CA LYS B 207 4.90 37.96 1.64
C LYS B 207 4.09 38.39 2.84
N SER B 208 3.36 39.50 2.70
CA SER B 208 2.54 40.03 3.80
C SER B 208 1.16 40.49 3.31
N PHE B 209 0.39 41.05 4.23
CA PHE B 209 -0.93 41.57 3.93
C PHE B 209 -1.41 42.33 5.18
N ASN B 210 -2.24 43.36 4.99
CA ASN B 210 -2.76 44.14 6.10
C ASN B 210 -4.21 43.75 6.35
N ARG B 211 -4.59 43.61 7.62
CA ARG B 211 -5.94 43.21 7.98
C ARG B 211 -7.05 44.08 7.40
N ASN B 212 -6.67 45.18 6.74
CA ASN B 212 -7.65 46.08 6.13
C ASN B 212 -7.20 46.68 4.79
N ALA C 1 -13.08 -54.42 -23.05
CA ALA C 1 -12.24 -55.34 -22.20
C ALA C 1 -11.89 -54.69 -20.85
N LEU C 2 -12.18 -55.41 -19.77
CA LEU C 2 -11.93 -54.92 -18.41
C LEU C 2 -10.53 -54.31 -18.18
N HIS C 3 -9.48 -55.06 -18.49
CA HIS C 3 -8.13 -54.54 -18.26
C HIS C 3 -7.84 -53.20 -18.93
N TRP C 4 -8.55 -52.90 -20.00
CA TRP C 4 -8.32 -51.63 -20.67
C TRP C 4 -9.15 -50.53 -20.03
N ARG C 5 -10.37 -50.86 -19.63
CA ARG C 5 -11.23 -49.88 -18.99
C ARG C 5 -10.55 -49.50 -17.69
N ALA C 6 -10.11 -50.51 -16.95
CA ALA C 6 -9.45 -50.30 -15.68
C ALA C 6 -8.23 -49.37 -15.84
N ALA C 7 -7.39 -49.67 -16.84
CA ALA C 7 -6.21 -48.85 -17.10
C ALA C 7 -6.66 -47.40 -17.21
N GLY C 8 -7.54 -47.14 -18.16
CA GLY C 8 -8.06 -45.80 -18.37
C GLY C 8 -8.65 -45.21 -17.11
N ALA C 9 -9.54 -45.95 -16.46
CA ALA C 9 -10.16 -45.47 -15.23
C ALA C 9 -9.05 -45.08 -14.25
N ALA C 10 -8.00 -45.89 -14.22
CA ALA C 10 -6.89 -45.62 -13.31
C ALA C 10 -6.14 -44.34 -13.65
N THR C 11 -6.15 -43.94 -14.92
CA THR C 11 -5.45 -42.73 -15.34
C THR C 11 -6.23 -41.46 -15.02
N VAL C 12 -7.54 -41.54 -15.16
CA VAL C 12 -8.36 -40.37 -14.87
C VAL C 12 -8.35 -40.16 -13.36
N LEU C 13 -8.36 -41.27 -12.62
CA LEU C 13 -8.36 -41.20 -11.17
C LEU C 13 -7.05 -40.63 -10.64
N LEU C 14 -5.93 -41.01 -11.26
CA LEU C 14 -4.63 -40.52 -10.82
C LEU C 14 -4.55 -39.01 -11.03
N VAL C 15 -5.06 -38.53 -12.16
CA VAL C 15 -5.04 -37.10 -12.42
C VAL C 15 -5.88 -36.37 -11.37
N ILE C 16 -7.01 -36.97 -10.97
CA ILE C 16 -7.85 -36.37 -9.92
C ILE C 16 -7.04 -36.26 -8.63
N VAL C 17 -6.48 -37.40 -8.19
CA VAL C 17 -5.65 -37.46 -6.99
C VAL C 17 -4.53 -36.45 -7.02
N LEU C 18 -3.83 -36.33 -8.15
CA LEU C 18 -2.75 -35.33 -8.24
C LEU C 18 -3.29 -33.94 -7.97
N LEU C 19 -4.28 -33.50 -8.74
CA LEU C 19 -4.89 -32.17 -8.56
C LEU C 19 -5.38 -31.96 -7.13
N ALA C 20 -6.12 -32.91 -6.59
CA ALA C 20 -6.63 -32.79 -5.23
C ALA C 20 -5.46 -32.82 -4.24
N GLY C 21 -4.37 -33.50 -4.62
CA GLY C 21 -3.21 -33.59 -3.75
C GLY C 21 -2.45 -32.29 -3.72
N SER C 22 -2.41 -31.59 -4.85
CA SER C 22 -1.72 -30.31 -4.91
C SER C 22 -2.47 -29.36 -4.01
N TYR C 23 -3.80 -29.37 -4.12
CA TYR C 23 -4.65 -28.49 -3.30
C TYR C 23 -4.51 -28.79 -1.81
N LEU C 24 -4.71 -30.05 -1.43
CA LEU C 24 -4.61 -30.46 -0.03
C LEU C 24 -3.23 -30.28 0.62
N ALA C 25 -2.16 -30.39 -0.17
CA ALA C 25 -0.82 -30.22 0.36
C ALA C 25 -0.57 -28.79 0.81
N VAL C 26 -0.99 -27.84 -0.01
CA VAL C 26 -0.79 -26.44 0.31
C VAL C 26 -1.60 -26.06 1.54
N LEU C 27 -2.82 -26.56 1.60
CA LEU C 27 -3.71 -26.31 2.73
C LEU C 27 -3.09 -26.85 4.02
N ALA C 28 -2.44 -28.01 3.93
CA ALA C 28 -1.79 -28.63 5.08
C ALA C 28 -0.46 -28.01 5.49
N GLU C 29 0.39 -27.70 4.51
CA GLU C 29 1.71 -27.13 4.76
C GLU C 29 1.71 -25.66 5.18
N ARG C 30 0.87 -24.81 4.57
CA ARG C 30 0.82 -23.42 4.96
C ARG C 30 0.45 -23.38 6.43
N GLY C 31 1.16 -22.58 7.22
CA GLY C 31 0.90 -22.53 8.63
C GLY C 31 2.04 -23.19 9.39
N ALA C 32 2.82 -24.03 8.69
CA ALA C 32 3.95 -24.71 9.30
C ALA C 32 5.24 -23.96 8.94
N PRO C 33 5.91 -23.36 9.94
CA PRO C 33 7.15 -22.61 9.71
C PRO C 33 8.17 -23.42 8.95
N GLY C 34 8.84 -22.76 8.00
CA GLY C 34 9.85 -23.43 7.20
C GLY C 34 9.29 -24.31 6.09
N ALA C 35 7.98 -24.48 6.04
CA ALA C 35 7.41 -25.33 4.99
C ALA C 35 7.66 -24.72 3.61
N GLN C 36 7.87 -25.59 2.62
CA GLN C 36 8.13 -25.18 1.25
C GLN C 36 7.02 -25.53 0.26
N LEU C 37 6.18 -26.50 0.61
CA LEU C 37 5.11 -26.95 -0.27
C LEU C 37 3.88 -26.02 -0.19
N ILE C 38 4.08 -24.73 -0.43
CA ILE C 38 3.04 -23.73 -0.25
C ILE C 38 2.42 -22.86 -1.37
N THR C 39 2.63 -23.22 -2.63
CA THR C 39 2.05 -22.51 -3.76
C THR C 39 1.62 -23.68 -4.66
N TYR C 40 0.47 -23.55 -5.33
CA TYR C 40 -0.05 -24.65 -6.15
C TYR C 40 0.79 -25.17 -7.33
N PRO C 41 1.33 -24.26 -8.15
CA PRO C 41 2.13 -24.75 -9.27
C PRO C 41 3.20 -25.76 -8.86
N ARG C 42 4.07 -25.42 -7.91
CA ARG C 42 5.08 -26.39 -7.54
C ARG C 42 4.50 -27.61 -6.84
N ALA C 43 3.49 -27.41 -5.98
CA ALA C 43 2.87 -28.54 -5.30
C ALA C 43 2.43 -29.57 -6.32
N LEU C 44 1.84 -29.11 -7.41
CA LEU C 44 1.41 -30.02 -8.48
C LEU C 44 2.61 -30.79 -9.05
N TRP C 45 3.75 -30.11 -9.21
CA TRP C 45 4.96 -30.77 -9.72
C TRP C 45 5.43 -31.82 -8.70
N TRP C 46 5.27 -31.49 -7.43
CA TRP C 46 5.62 -32.37 -6.33
C TRP C 46 4.76 -33.64 -6.29
N SER C 47 3.48 -33.49 -6.60
CA SER C 47 2.60 -34.65 -6.56
C SER C 47 2.99 -35.61 -7.68
N VAL C 48 3.30 -35.06 -8.85
CA VAL C 48 3.72 -35.86 -9.99
C VAL C 48 5.02 -36.57 -9.60
N GLU C 49 5.89 -35.82 -8.94
CA GLU C 49 7.16 -36.32 -8.44
C GLU C 49 7.00 -37.54 -7.54
N THR C 50 6.01 -37.46 -6.66
CA THR C 50 5.67 -38.47 -5.67
C THR C 50 4.95 -39.67 -6.23
N ALA C 51 3.88 -39.43 -6.98
CA ALA C 51 3.10 -40.50 -7.57
C ALA C 51 3.98 -41.41 -8.44
N THR C 52 4.89 -40.81 -9.20
CA THR C 52 5.77 -41.61 -10.06
C THR C 52 6.90 -42.18 -9.21
N THR C 53 6.83 -41.91 -7.92
CA THR C 53 7.83 -42.36 -6.96
C THR C 53 9.24 -41.80 -7.25
N VAL C 54 9.42 -40.84 -8.15
CA VAL C 54 10.78 -40.32 -8.40
C VAL C 54 11.39 -39.54 -7.22
N GLY C 55 10.56 -38.88 -6.42
CA GLY C 55 11.04 -38.14 -5.26
C GLY C 55 12.34 -37.32 -5.16
N TYR C 56 12.62 -36.43 -6.09
CA TYR C 56 13.84 -35.62 -6.05
C TYR C 56 14.38 -35.01 -4.76
N GLY C 57 13.51 -34.61 -3.83
CA GLY C 57 14.00 -33.97 -2.63
C GLY C 57 14.05 -32.44 -2.71
N ASP C 58 13.52 -31.85 -3.79
CA ASP C 58 13.49 -30.38 -3.91
C ASP C 58 12.27 -29.90 -3.14
N LEU C 59 11.31 -30.80 -2.93
CA LEU C 59 10.12 -30.46 -2.18
C LEU C 59 9.55 -31.68 -1.50
N CYS C 60 9.07 -31.51 -0.26
CA CYS C 60 8.37 -32.59 0.45
C CYS C 60 7.67 -32.03 1.69
N PRO C 61 6.54 -32.63 2.06
CA PRO C 61 5.76 -32.19 3.22
C PRO C 61 6.46 -32.34 4.56
N VAL C 62 6.06 -31.53 5.53
CA VAL C 62 6.63 -31.59 6.85
C VAL C 62 5.55 -31.63 7.95
N THR C 63 4.28 -31.55 7.57
CA THR C 63 3.20 -31.61 8.55
C THR C 63 2.63 -33.01 8.49
N LEU C 64 1.90 -33.39 9.53
CA LEU C 64 1.28 -34.71 9.60
C LEU C 64 0.31 -34.91 8.44
N TRP C 65 -0.56 -33.92 8.22
CA TRP C 65 -1.54 -34.03 7.16
C TRP C 65 -0.90 -33.93 5.78
N GLY C 66 0.16 -33.15 5.66
CA GLY C 66 0.84 -33.06 4.39
C GLY C 66 1.35 -34.46 4.05
N ARG C 67 2.10 -35.05 4.99
CA ARG C 67 2.62 -36.40 4.79
C ARG C 67 1.52 -37.40 4.50
N LEU C 68 0.42 -37.33 5.25
CA LEU C 68 -0.69 -38.22 5.01
C LEU C 68 -1.18 -38.06 3.57
N VAL C 69 -1.27 -36.82 3.08
CA VAL C 69 -1.71 -36.57 1.71
C VAL C 69 -0.66 -37.20 0.77
N ALA C 70 0.60 -37.04 1.12
CA ALA C 70 1.70 -37.60 0.34
C ALA C 70 1.55 -39.13 0.22
N VAL C 71 1.06 -39.78 1.27
CA VAL C 71 0.95 -41.21 1.18
C VAL C 71 -0.16 -41.66 0.23
N VAL C 72 -1.25 -40.90 0.16
CA VAL C 72 -2.32 -41.24 -0.77
C VAL C 72 -1.82 -41.05 -2.20
N VAL C 73 -1.04 -40.00 -2.43
CA VAL C 73 -0.49 -39.75 -3.77
C VAL C 73 0.42 -40.92 -4.21
N MET C 74 1.41 -41.27 -3.36
CA MET C 74 2.36 -42.37 -3.66
C MET C 74 1.63 -43.64 -4.04
N VAL C 75 0.70 -44.02 -3.17
CA VAL C 75 -0.10 -45.22 -3.30
C VAL C 75 -1.01 -45.20 -4.52
N ALA C 76 -1.61 -44.05 -4.83
CA ALA C 76 -2.46 -43.96 -6.01
C ALA C 76 -1.53 -44.10 -7.23
N GLY C 77 -0.42 -43.38 -7.20
CA GLY C 77 0.51 -43.49 -8.30
C GLY C 77 1.05 -44.91 -8.45
N ILE C 78 1.53 -45.53 -7.37
CA ILE C 78 2.06 -46.88 -7.52
C ILE C 78 0.99 -47.82 -8.04
N THR C 79 -0.17 -47.80 -7.40
CA THR C 79 -1.27 -48.64 -7.82
C THR C 79 -1.62 -48.42 -9.29
N SER C 80 -1.85 -47.16 -9.67
CA SER C 80 -2.20 -46.83 -11.06
C SER C 80 -1.24 -47.37 -12.10
N PHE C 81 0.04 -47.07 -11.93
CA PHE C 81 1.05 -47.54 -12.87
C PHE C 81 1.16 -49.05 -12.84
N GLY C 82 0.93 -49.64 -11.67
CA GLY C 82 1.00 -51.09 -11.53
C GLY C 82 -0.13 -51.78 -12.27
N LEU C 83 -1.21 -51.04 -12.45
CA LEU C 83 -2.38 -51.56 -13.12
C LEU C 83 -2.18 -51.55 -14.64
N VAL C 84 -1.39 -50.60 -15.13
CA VAL C 84 -1.09 -50.52 -16.56
C VAL C 84 -0.23 -51.74 -16.90
N THR C 85 0.76 -51.97 -16.04
CA THR C 85 1.67 -53.12 -16.19
C THR C 85 0.85 -54.40 -16.26
N ALA C 86 -0.14 -54.50 -15.39
CA ALA C 86 -1.01 -55.67 -15.31
C ALA C 86 -1.89 -55.84 -16.53
N ALA C 87 -2.34 -54.72 -17.11
CA ALA C 87 -3.20 -54.75 -18.29
C ALA C 87 -2.35 -55.10 -19.53
N LEU C 88 -1.08 -54.72 -19.50
CA LEU C 88 -0.18 -55.04 -20.61
C LEU C 88 0.12 -56.53 -20.53
N ALA C 89 0.03 -57.11 -19.34
CA ALA C 89 0.31 -58.53 -19.23
C ALA C 89 -0.89 -59.28 -19.81
N THR C 90 -2.09 -58.85 -19.47
CA THR C 90 -3.27 -59.52 -19.99
C THR C 90 -3.35 -59.44 -21.51
N TRP C 91 -2.81 -58.37 -22.07
CA TRP C 91 -2.80 -58.21 -23.52
C TRP C 91 -1.80 -59.21 -24.11
N PHE C 92 -0.59 -59.24 -23.56
CA PHE C 92 0.42 -60.17 -24.05
C PHE C 92 0.00 -61.62 -23.88
N VAL C 93 -0.50 -61.97 -22.70
CA VAL C 93 -0.93 -63.34 -22.41
C VAL C 93 -2.06 -63.76 -23.34
N GLY C 94 -2.96 -62.81 -23.62
CA GLY C 94 -4.07 -63.10 -24.51
C GLY C 94 -3.58 -63.32 -25.93
N ARG C 95 -2.68 -62.47 -26.40
CA ARG C 95 -2.14 -62.58 -27.76
C ARG C 95 -1.26 -63.80 -27.94
N GLU C 96 -0.52 -64.18 -26.90
CA GLU C 96 0.34 -65.35 -26.95
C GLU C 96 -0.48 -66.65 -27.01
N GLN C 97 -1.74 -66.57 -26.60
CA GLN C 97 -2.60 -67.75 -26.66
C GLN C 97 -3.13 -67.86 -28.07
N GLU C 98 -3.52 -66.73 -28.65
CA GLU C 98 -4.05 -66.71 -30.01
C GLU C 98 -3.01 -67.29 -30.97
N ARG C 99 -1.77 -66.88 -30.79
CA ARG C 99 -0.66 -67.33 -31.61
C ARG C 99 -0.38 -68.82 -31.45
N ARG C 100 -1.05 -69.44 -30.48
CA ARG C 100 -0.89 -70.86 -30.24
C ARG C 100 -2.19 -71.60 -30.55
N GLY C 101 -3.12 -70.90 -31.19
CA GLY C 101 -4.39 -71.52 -31.53
C GLY C 101 -5.52 -71.15 -30.57
N HIS C 102 -5.42 -71.60 -29.32
CA HIS C 102 -6.44 -71.34 -28.32
C HIS C 102 -7.09 -69.96 -28.44
#